data_5Z37
#
_entry.id   5Z37
#
_cell.length_a   41.660
_cell.length_b   73.820
_cell.length_c   82.190
_cell.angle_alpha   90.000
_cell.angle_beta   90.000
_cell.angle_gamma   90.000
#
_symmetry.space_group_name_H-M   'P 21 21 21'
#
loop_
_entity.id
_entity.type
_entity.pdbx_description
1 polymer 'Abrin A-chain'
2 non-polymer IMIDAZOLE
3 water water
#
_entity_poly.entity_id   1
_entity_poly.type   'polypeptide(L)'
_entity_poly.pdbx_seq_one_letter_code
;MRGSHHHHHHGMASEDRPIKFSTEGATSQSYKQFIEALRERLRGGLIHDIPVLPDPTTLQERNRYITVELSNSDTESIEV
GIDVTNAYVVAYRAGTQSHFLRDAPSSASDYLFTGTDQHSLPFYGTYGDLERWAHQSRQQIPLGLQALTHGISFFRSGGN
DNEEKARTLIVIIQMVAEAARFRYISNRVRVSIQTGTAFQPDAAMISLENNWDNLSRGVQESVQDTFPNQVTLTNIRNEP
VIVDSLSHPTVAVLALMLFVCNPPN
;
_entity_poly.pdbx_strand_id   A
#
loop_
_chem_comp.id
_chem_comp.type
_chem_comp.name
_chem_comp.formula
IMD non-polymer IMIDAZOLE 'C3 H5 N2 1'
#
# COMPACT_ATOMS: atom_id res chain seq x y z
N PRO A 18 4.64 8.17 15.44
CA PRO A 18 3.27 7.96 14.99
C PRO A 18 3.01 8.56 13.61
N ILE A 19 2.38 7.79 12.72
CA ILE A 19 2.18 8.20 11.33
C ILE A 19 0.71 8.44 11.09
N LYS A 20 0.35 9.69 10.82
CA LYS A 20 -1.02 10.11 10.67
C LYS A 20 -1.22 10.78 9.32
N PHE A 21 -2.38 10.59 8.72
CA PHE A 21 -2.83 11.39 7.59
C PHE A 21 -4.27 11.80 7.85
N SER A 22 -4.52 13.10 7.74
CA SER A 22 -5.86 13.66 7.88
C SER A 22 -6.36 14.07 6.50
N THR A 23 -7.62 13.74 6.21
CA THR A 23 -8.25 14.20 4.99
C THR A 23 -8.79 15.62 5.10
N GLU A 24 -8.89 16.16 6.32
CA GLU A 24 -9.46 17.49 6.50
C GLU A 24 -8.49 18.54 5.96
N GLY A 25 -8.88 19.21 4.89
CA GLY A 25 -8.01 20.21 4.29
C GLY A 25 -6.68 19.66 3.82
N ALA A 26 -6.65 18.38 3.45
CA ALA A 26 -5.42 17.78 2.97
C ALA A 26 -4.94 18.47 1.71
N THR A 27 -3.63 18.51 1.55
CA THR A 27 -2.99 19.14 0.40
C THR A 27 -2.05 18.15 -0.27
N SER A 28 -1.58 18.52 -1.46
CA SER A 28 -0.51 17.78 -2.11
C SER A 28 0.64 17.57 -1.13
N GLN A 29 0.97 18.60 -0.36
CA GLN A 29 2.14 18.56 0.49
C GLN A 29 1.90 17.69 1.73
N SER A 30 0.72 17.78 2.35
CA SER A 30 0.48 16.98 3.54
C SER A 30 0.43 15.50 3.20
N TYR A 31 -0.13 15.15 2.05
CA TYR A 31 -0.12 13.76 1.63
C TYR A 31 1.31 13.30 1.34
N LYS A 32 2.09 14.13 0.64
CA LYS A 32 3.47 13.77 0.36
C LYS A 32 4.25 13.53 1.65
N GLN A 33 4.05 14.39 2.64
CA GLN A 33 4.78 14.25 3.90
C GLN A 33 4.40 12.96 4.62
N PHE A 34 3.13 12.58 4.54
CA PHE A 34 2.66 11.30 5.09
C PHE A 34 3.37 10.13 4.42
N ILE A 35 3.38 10.11 3.09
CA ILE A 35 4.03 9.01 2.38
C ILE A 35 5.52 8.99 2.68
N GLU A 36 6.14 10.16 2.79
CA GLU A 36 7.56 10.21 3.13
C GLU A 36 7.82 9.60 4.51
N ALA A 37 6.98 9.93 5.49
CA ALA A 37 7.17 9.37 6.84
C ALA A 37 6.98 7.86 6.82
N LEU A 38 5.99 7.38 6.07
CA LEU A 38 5.78 5.95 5.96
C LEU A 38 6.97 5.27 5.32
N ARG A 39 7.50 5.84 4.25
CA ARG A 39 8.66 5.24 3.59
C ARG A 39 9.87 5.20 4.51
N GLU A 40 10.09 6.27 5.28
CA GLU A 40 11.21 6.31 6.20
CA GLU A 40 11.23 6.31 6.19
C GLU A 40 11.10 5.22 7.26
N ARG A 41 9.89 4.99 7.76
CA ARG A 41 9.70 3.95 8.77
C ARG A 41 9.86 2.55 8.17
N LEU A 42 9.47 2.37 6.90
CA LEU A 42 9.50 1.05 6.28
C LEU A 42 10.89 0.63 5.79
N ARG A 43 11.75 1.58 5.43
CA ARG A 43 13.01 1.23 4.78
C ARG A 43 13.88 0.39 5.70
N GLY A 44 14.38 -0.72 5.16
CA GLY A 44 15.28 -1.59 5.89
C GLY A 44 16.73 -1.49 5.43
N GLY A 45 16.94 -0.87 4.27
CA GLY A 45 18.27 -0.69 3.73
C GLY A 45 18.17 -0.21 2.30
N LEU A 46 19.30 -0.20 1.60
CA LEU A 46 19.36 0.15 0.19
C LEU A 46 20.05 -1.00 -0.54
N ILE A 47 19.55 -1.31 -1.73
CA ILE A 47 20.21 -2.24 -2.65
C ILE A 47 20.25 -1.55 -4.00
N HIS A 48 21.45 -1.42 -4.57
CA HIS A 48 21.65 -0.68 -5.80
C HIS A 48 21.03 0.71 -5.73
N ASP A 49 21.18 1.34 -4.56
CA ASP A 49 20.71 2.70 -4.28
C ASP A 49 19.19 2.80 -4.18
N ILE A 50 18.48 1.68 -4.17
CA ILE A 50 17.02 1.68 -4.09
C ILE A 50 16.61 1.15 -2.72
N PRO A 51 15.72 1.85 -2.00
CA PRO A 51 15.32 1.34 -0.68
C PRO A 51 14.64 -0.02 -0.77
N VAL A 52 14.96 -0.87 0.20
CA VAL A 52 14.41 -2.21 0.29
C VAL A 52 13.83 -2.39 1.68
N LEU A 53 12.73 -3.14 1.76
CA LEU A 53 12.13 -3.50 3.03
C LEU A 53 12.99 -4.54 3.77
N PRO A 54 12.78 -4.71 5.07
CA PRO A 54 13.60 -5.67 5.82
C PRO A 54 13.41 -7.11 5.35
N ASP A 55 14.48 -7.88 5.45
CA ASP A 55 14.42 -9.32 5.25
C ASP A 55 13.59 -9.93 6.37
N PRO A 56 12.47 -10.57 6.07
CA PRO A 56 11.63 -11.10 7.15
C PRO A 56 12.34 -12.12 8.03
N THR A 57 13.34 -12.84 7.50
CA THR A 57 13.96 -13.90 8.27
C THR A 57 14.88 -13.40 9.36
N THR A 58 15.31 -12.14 9.30
CA THR A 58 16.20 -11.59 10.32
C THR A 58 15.55 -10.45 11.08
N LEU A 59 14.25 -10.24 10.90
CA LEU A 59 13.51 -9.17 11.53
C LEU A 59 12.90 -9.64 12.84
N GLN A 60 13.07 -8.87 13.89
CA GLN A 60 12.40 -9.16 15.15
C GLN A 60 10.91 -8.87 15.01
N GLU A 61 10.07 -9.82 15.40
CA GLU A 61 8.59 -9.72 15.23
C GLU A 61 8.05 -8.46 15.91
N ARG A 62 8.63 -8.00 17.01
CA ARG A 62 8.18 -6.78 17.72
C ARG A 62 8.42 -5.56 16.82
N ASN A 63 9.23 -5.67 15.77
CA ASN A 63 9.49 -4.57 14.87
C ASN A 63 8.77 -4.73 13.53
N ARG A 64 7.88 -5.71 13.43
CA ARG A 64 7.34 -6.09 12.13
C ARG A 64 6.09 -5.30 11.72
N TYR A 65 5.30 -4.84 12.68
CA TYR A 65 4.02 -4.23 12.37
C TYR A 65 3.95 -2.80 12.87
N ILE A 66 3.43 -1.92 12.02
CA ILE A 66 3.26 -0.52 12.34
C ILE A 66 1.81 -0.12 12.08
N THR A 67 1.42 1.01 12.66
CA THR A 67 0.08 1.54 12.47
C THR A 67 0.16 2.88 11.78
N VAL A 68 -0.87 3.16 11.00
CA VAL A 68 -1.12 4.48 10.42
CA VAL A 68 -1.10 4.49 10.47
C VAL A 68 -2.51 4.91 10.85
N GLU A 69 -2.65 6.16 11.26
CA GLU A 69 -3.95 6.73 11.59
CA GLU A 69 -3.95 6.73 11.60
C GLU A 69 -4.46 7.50 10.39
N LEU A 70 -5.67 7.17 9.93
CA LEU A 70 -6.32 7.85 8.82
C LEU A 70 -7.55 8.53 9.41
N SER A 71 -7.55 9.86 9.40
CA SER A 71 -8.54 10.65 10.13
CA SER A 71 -8.58 10.61 10.10
C SER A 71 -9.31 11.55 9.17
N ASN A 72 -10.61 11.70 9.41
CA ASN A 72 -11.42 12.71 8.75
C ASN A 72 -11.61 13.95 9.60
N SER A 73 -11.43 13.82 10.92
CA SER A 73 -11.60 14.92 11.86
C SER A 73 -11.03 14.45 13.20
N ASP A 74 -11.02 15.36 14.17
CA ASP A 74 -10.52 15.00 15.50
C ASP A 74 -11.33 13.89 16.15
N THR A 75 -12.56 13.67 15.69
CA THR A 75 -13.44 12.69 16.30
C THR A 75 -13.78 11.51 15.40
N GLU A 76 -13.30 11.47 14.16
CA GLU A 76 -13.59 10.38 13.24
C GLU A 76 -12.28 9.91 12.61
N SER A 77 -11.79 8.75 13.04
CA SER A 77 -10.54 8.22 12.53
C SER A 77 -10.54 6.71 12.66
N ILE A 78 -9.68 6.08 11.87
CA ILE A 78 -9.39 4.66 11.96
C ILE A 78 -7.88 4.50 12.00
N GLU A 79 -7.44 3.31 12.33
CA GLU A 79 -6.05 2.93 12.14
C GLU A 79 -5.97 1.76 11.19
N VAL A 80 -4.88 1.71 10.44
CA VAL A 80 -4.58 0.56 9.60
CA VAL A 80 -4.56 0.61 9.55
C VAL A 80 -3.25 -0.01 10.02
N GLY A 81 -3.18 -1.33 10.06
CA GLY A 81 -1.98 -2.03 10.44
C GLY A 81 -1.24 -2.51 9.20
N ILE A 82 0.07 -2.26 9.19
CA ILE A 82 0.92 -2.55 8.04
C ILE A 82 2.05 -3.49 8.45
N ASP A 83 2.28 -4.50 7.62
CA ASP A 83 3.39 -5.42 7.75
C ASP A 83 4.60 -4.81 7.06
N VAL A 84 5.67 -4.53 7.81
CA VAL A 84 6.80 -3.82 7.21
C VAL A 84 7.55 -4.70 6.22
N THR A 85 7.36 -6.02 6.26
CA THR A 85 8.08 -6.89 5.33
C THR A 85 7.56 -6.76 3.92
N ASN A 86 6.33 -6.29 3.73
CA ASN A 86 5.81 -6.16 2.38
C ASN A 86 4.98 -4.90 2.19
N ALA A 87 4.94 -4.01 3.18
CA ALA A 87 4.14 -2.79 3.13
C ALA A 87 2.64 -3.07 2.98
N TYR A 88 2.23 -4.33 3.22
N TYR A 88 2.19 -4.27 3.26
CA TYR A 88 0.83 -4.76 3.10
CA TYR A 88 0.81 -4.56 2.97
C TYR A 88 -0.02 -4.16 4.23
C TYR A 88 -0.08 -4.38 4.19
N VAL A 89 -1.29 -3.90 3.92
CA VAL A 89 -2.29 -3.68 4.95
C VAL A 89 -2.81 -5.03 5.39
N VAL A 90 -2.68 -5.33 6.68
CA VAL A 90 -3.13 -6.61 7.22
C VAL A 90 -4.34 -6.48 8.12
N ALA A 91 -4.71 -5.28 8.54
CA ALA A 91 -5.80 -5.11 9.50
C ALA A 91 -6.18 -3.64 9.56
N TYR A 92 -7.36 -3.38 10.11
CA TYR A 92 -7.75 -2.01 10.43
C TYR A 92 -8.51 -2.04 11.75
N ARG A 93 -8.61 -0.85 12.37
CA ARG A 93 -9.22 -0.71 13.68
C ARG A 93 -10.14 0.49 13.66
N ALA A 94 -11.33 0.30 14.24
CA ALA A 94 -12.29 1.39 14.47
C ALA A 94 -12.69 1.30 15.94
N GLY A 95 -12.21 2.24 16.75
CA GLY A 95 -12.54 2.20 18.16
C GLY A 95 -12.02 0.94 18.82
N THR A 96 -12.90 0.24 19.53
CA THR A 96 -12.53 -0.96 20.27
C THR A 96 -12.54 -2.22 19.41
N GLN A 97 -12.81 -2.12 18.12
CA GLN A 97 -12.99 -3.28 17.26
C GLN A 97 -11.98 -3.24 16.13
N SER A 98 -11.36 -4.38 15.82
CA SER A 98 -10.43 -4.44 14.70
C SER A 98 -10.76 -5.63 13.83
N HIS A 99 -10.24 -5.59 12.61
CA HIS A 99 -10.55 -6.56 11.55
C HIS A 99 -9.29 -6.89 10.78
N PHE A 100 -8.98 -8.18 10.68
CA PHE A 100 -7.76 -8.67 10.07
C PHE A 100 -8.09 -9.36 8.76
N LEU A 101 -7.28 -9.10 7.74
CA LEU A 101 -7.47 -9.81 6.47
C LEU A 101 -7.35 -11.31 6.70
N ARG A 102 -8.08 -12.07 5.88
CA ARG A 102 -8.12 -13.51 6.08
C ARG A 102 -6.73 -14.13 5.96
N ASP A 103 -5.85 -13.54 5.16
CA ASP A 103 -4.49 -14.03 4.98
C ASP A 103 -3.46 -13.22 5.78
N ALA A 104 -3.89 -12.49 6.80
CA ALA A 104 -2.93 -11.81 7.66
C ALA A 104 -1.98 -12.85 8.27
N PRO A 105 -0.69 -12.52 8.39
CA PRO A 105 0.22 -13.46 9.07
C PRO A 105 -0.29 -13.74 10.48
N SER A 106 -0.03 -14.95 10.95
CA SER A 106 -0.53 -15.33 12.27
C SER A 106 -0.05 -14.39 13.37
N SER A 107 1.16 -13.84 13.24
CA SER A 107 1.68 -12.97 14.29
C SER A 107 1.07 -11.57 14.30
N ALA A 108 0.37 -11.17 13.23
CA ALA A 108 -0.11 -9.80 13.17
C ALA A 108 -1.01 -9.46 14.35
N SER A 109 -1.92 -10.37 14.70
CA SER A 109 -2.86 -10.08 15.78
C SER A 109 -2.19 -10.15 17.16
N ASP A 110 -0.95 -10.61 17.25
CA ASP A 110 -0.21 -10.54 18.50
C ASP A 110 0.44 -9.18 18.73
N TYR A 111 0.51 -8.33 17.70
CA TYR A 111 1.18 -7.05 17.82
C TYR A 111 0.30 -5.87 17.46
N LEU A 112 -0.72 -6.07 16.64
CA LEU A 112 -1.59 -4.99 16.18
C LEU A 112 -2.91 -5.03 16.93
N PHE A 113 -3.32 -3.88 17.44
CA PHE A 113 -4.67 -3.71 17.98
C PHE A 113 -4.96 -4.75 19.05
N THR A 114 -3.97 -5.03 19.90
CA THR A 114 -4.13 -6.10 20.87
C THR A 114 -5.14 -5.75 21.95
N GLY A 115 -5.48 -4.47 22.12
CA GLY A 115 -6.45 -4.05 23.11
C GLY A 115 -7.85 -3.91 22.56
N THR A 116 -8.13 -4.53 21.42
CA THR A 116 -9.45 -4.49 20.80
C THR A 116 -10.03 -5.90 20.75
N ASP A 117 -11.31 -5.98 20.41
CA ASP A 117 -11.89 -7.24 19.97
C ASP A 117 -11.52 -7.41 18.50
N GLN A 118 -10.74 -8.43 18.21
CA GLN A 118 -10.20 -8.67 16.88
C GLN A 118 -11.10 -9.66 16.15
N HIS A 119 -11.34 -9.39 14.87
CA HIS A 119 -12.19 -10.22 14.02
C HIS A 119 -11.44 -10.53 12.75
N SER A 120 -11.74 -11.68 12.14
CA SER A 120 -11.20 -12.02 10.83
C SER A 120 -12.19 -11.65 9.75
N LEU A 121 -11.72 -10.91 8.75
CA LEU A 121 -12.50 -10.62 7.57
C LEU A 121 -12.66 -11.88 6.72
N PRO A 122 -13.71 -11.99 5.92
CA PRO A 122 -13.95 -13.20 5.14
C PRO A 122 -13.16 -13.26 3.84
N PHE A 123 -12.43 -12.20 3.50
CA PHE A 123 -11.70 -12.14 2.25
C PHE A 123 -10.20 -11.97 2.51
N TYR A 124 -9.41 -12.45 1.56
CA TYR A 124 -7.97 -12.24 1.55
C TYR A 124 -7.67 -10.83 1.07
N GLY A 125 -6.45 -10.38 1.37
CA GLY A 125 -5.99 -9.06 0.97
C GLY A 125 -5.44 -8.96 -0.44
N THR A 126 -5.49 -10.03 -1.21
CA THR A 126 -5.05 -9.98 -2.59
C THR A 126 -6.07 -9.21 -3.40
N TYR A 127 -5.61 -8.59 -4.48
CA TYR A 127 -6.57 -7.89 -5.32
C TYR A 127 -7.57 -8.85 -5.93
N GLY A 128 -7.16 -10.09 -6.21
CA GLY A 128 -8.09 -11.04 -6.77
C GLY A 128 -9.31 -11.24 -5.88
N ASP A 129 -9.08 -11.47 -4.59
CA ASP A 129 -10.19 -11.71 -3.69
C ASP A 129 -10.93 -10.40 -3.36
N LEU A 130 -10.19 -9.31 -3.19
CA LEU A 130 -10.84 -8.03 -2.92
C LEU A 130 -11.77 -7.63 -4.06
N GLU A 131 -11.29 -7.75 -5.30
CA GLU A 131 -12.11 -7.40 -6.45
C GLU A 131 -13.32 -8.31 -6.58
N ARG A 132 -13.14 -9.60 -6.27
CA ARG A 132 -14.25 -10.53 -6.29
C ARG A 132 -15.34 -10.09 -5.31
N TRP A 133 -14.96 -9.78 -4.08
CA TRP A 133 -15.92 -9.37 -3.08
C TRP A 133 -16.51 -7.99 -3.38
N ALA A 134 -15.72 -7.09 -3.95
CA ALA A 134 -16.23 -5.76 -4.29
C ALA A 134 -17.10 -5.77 -5.53
N HIS A 135 -17.10 -6.87 -6.30
CA HIS A 135 -17.77 -6.92 -7.61
C HIS A 135 -17.30 -5.80 -8.53
N GLN A 136 -16.06 -5.35 -8.33
CA GLN A 136 -15.45 -4.32 -9.15
C GLN A 136 -13.96 -4.55 -9.19
N SER A 137 -13.34 -4.24 -10.32
CA SER A 137 -11.90 -4.29 -10.44
C SER A 137 -11.29 -2.98 -9.97
N ARG A 138 -9.98 -3.02 -9.71
CA ARG A 138 -9.26 -1.79 -9.38
C ARG A 138 -9.53 -0.69 -10.38
N GLN A 139 -9.57 -1.04 -11.68
CA GLN A 139 -9.74 -0.04 -12.71
C GLN A 139 -11.08 0.68 -12.61
N GLN A 140 -12.08 0.07 -11.96
CA GLN A 140 -13.41 0.65 -11.86
C GLN A 140 -13.62 1.47 -10.59
N ILE A 141 -12.70 1.40 -9.64
CA ILE A 141 -12.92 1.97 -8.31
C ILE A 141 -12.18 3.31 -8.23
N PRO A 142 -12.86 4.41 -8.00
CA PRO A 142 -12.18 5.70 -7.93
C PRO A 142 -11.28 5.83 -6.71
N LEU A 143 -10.17 6.53 -6.90
CA LEU A 143 -9.22 6.89 -5.87
C LEU A 143 -9.15 8.40 -5.76
N GLY A 144 -8.73 8.88 -4.60
CA GLY A 144 -8.62 10.29 -4.35
C GLY A 144 -9.08 10.64 -2.95
N LEU A 145 -9.09 11.92 -2.62
CA LEU A 145 -9.37 12.31 -1.24
C LEU A 145 -10.80 11.94 -0.82
N GLN A 146 -11.77 12.13 -1.71
CA GLN A 146 -13.15 11.84 -1.34
C GLN A 146 -13.36 10.34 -1.15
N ALA A 147 -12.77 9.51 -2.01
CA ALA A 147 -12.87 8.08 -1.84
C ALA A 147 -12.29 7.64 -0.49
N LEU A 148 -11.15 8.22 -0.11
CA LEU A 148 -10.55 7.88 1.16
C LEU A 148 -11.40 8.36 2.33
N THR A 149 -11.89 9.59 2.25
CA THR A 149 -12.77 10.14 3.28
C THR A 149 -13.98 9.23 3.48
N HIS A 150 -14.63 8.86 2.37
CA HIS A 150 -15.79 7.99 2.45
C HIS A 150 -15.42 6.67 3.10
N GLY A 151 -14.25 6.13 2.77
CA GLY A 151 -13.83 4.86 3.33
C GLY A 151 -13.55 4.92 4.81
N ILE A 152 -12.91 6.00 5.26
CA ILE A 152 -12.67 6.19 6.69
C ILE A 152 -13.99 6.22 7.45
N SER A 153 -14.95 7.00 6.95
CA SER A 153 -16.26 7.07 7.57
C SER A 153 -16.92 5.70 7.62
N PHE A 154 -16.84 4.95 6.52
CA PHE A 154 -17.51 3.66 6.46
C PHE A 154 -16.90 2.69 7.47
N PHE A 155 -15.58 2.60 7.52
CA PHE A 155 -14.96 1.72 8.50
C PHE A 155 -15.25 2.19 9.93
N ARG A 156 -15.22 3.50 10.18
CA ARG A 156 -15.49 3.94 11.54
C ARG A 156 -16.92 3.62 11.95
N SER A 157 -17.87 3.65 10.99
CA SER A 157 -19.27 3.38 11.29
C SER A 157 -19.51 1.93 11.66
N GLY A 158 -18.63 1.02 11.27
CA GLY A 158 -18.83 -0.38 11.59
C GLY A 158 -19.84 -1.12 10.72
N GLY A 159 -20.34 -0.50 9.65
CA GLY A 159 -21.26 -1.19 8.77
C GLY A 159 -20.73 -2.54 8.32
N ASN A 160 -21.60 -3.54 8.18
CA ASN A 160 -21.20 -4.91 7.97
C ASN A 160 -21.11 -5.31 6.51
N ASP A 161 -21.32 -4.38 5.57
CA ASP A 161 -21.37 -4.70 4.15
C ASP A 161 -19.99 -5.10 3.66
N ASN A 162 -19.80 -6.41 3.44
CA ASN A 162 -18.48 -6.91 3.03
C ASN A 162 -18.08 -6.44 1.63
N GLU A 163 -19.06 -6.20 0.75
CA GLU A 163 -18.73 -5.65 -0.57
C GLU A 163 -18.04 -4.30 -0.42
N GLU A 164 -18.62 -3.42 0.41
CA GLU A 164 -18.02 -2.12 0.62
C GLU A 164 -16.74 -2.20 1.45
N LYS A 165 -16.63 -3.17 2.37
CA LYS A 165 -15.36 -3.34 3.07
C LYS A 165 -14.24 -3.64 2.08
N ALA A 166 -14.50 -4.53 1.14
CA ALA A 166 -13.48 -4.90 0.15
C ALA A 166 -13.14 -3.71 -0.73
N ARG A 167 -14.16 -2.99 -1.20
CA ARG A 167 -13.91 -1.81 -2.02
C ARG A 167 -13.06 -0.80 -1.26
N THR A 168 -13.41 -0.58 0.02
CA THR A 168 -12.69 0.39 0.84
C THR A 168 -11.24 -0.01 1.00
N LEU A 169 -10.97 -1.30 1.20
CA LEU A 169 -9.59 -1.73 1.31
C LEU A 169 -8.84 -1.56 -0.01
N ILE A 170 -9.51 -1.76 -1.14
CA ILE A 170 -8.85 -1.49 -2.42
C ILE A 170 -8.41 -0.04 -2.50
N VAL A 171 -9.24 0.89 -2.02
CA VAL A 171 -8.87 2.30 -2.00
C VAL A 171 -7.69 2.54 -1.08
N ILE A 172 -7.79 2.07 0.18
CA ILE A 172 -6.76 2.35 1.18
C ILE A 172 -5.43 1.72 0.78
N ILE A 173 -5.47 0.46 0.35
CA ILE A 173 -4.24 -0.24 -0.03
C ILE A 173 -3.49 0.56 -1.10
N GLN A 174 -4.20 1.04 -2.12
CA GLN A 174 -3.49 1.73 -3.19
C GLN A 174 -3.02 3.12 -2.76
N MET A 175 -3.82 3.84 -1.99
CA MET A 175 -3.44 5.19 -1.59
C MET A 175 -2.41 5.23 -0.48
N VAL A 176 -2.19 4.13 0.22
CA VAL A 176 -1.22 4.04 1.30
C VAL A 176 -0.06 3.12 0.93
N ALA A 177 -0.33 1.84 0.73
CA ALA A 177 0.74 0.86 0.51
C ALA A 177 1.35 0.99 -0.89
N GLU A 178 0.54 0.99 -1.94
CA GLU A 178 1.10 1.09 -3.29
C GLU A 178 1.77 2.44 -3.47
N ALA A 179 1.20 3.50 -2.88
CA ALA A 179 1.81 4.81 -2.95
C ALA A 179 3.17 4.81 -2.27
N ALA A 180 3.29 4.12 -1.14
CA ALA A 180 4.57 4.02 -0.48
C ALA A 180 5.59 3.31 -1.36
N ARG A 181 5.15 2.26 -2.06
CA ARG A 181 6.06 1.45 -2.87
C ARG A 181 6.54 2.17 -4.11
N PHE A 182 5.67 2.97 -4.74
CA PHE A 182 5.89 3.48 -6.09
C PHE A 182 5.77 4.99 -6.14
N ARG A 183 6.84 5.64 -6.60
CA ARG A 183 6.82 7.08 -6.77
C ARG A 183 5.76 7.51 -7.78
N TYR A 184 5.52 6.70 -8.81
CA TYR A 184 4.48 7.02 -9.79
C TYR A 184 3.12 7.12 -9.12
N ILE A 185 2.84 6.24 -8.18
CA ILE A 185 1.52 6.19 -7.56
C ILE A 185 1.36 7.28 -6.52
N SER A 186 2.37 7.49 -5.69
CA SER A 186 2.24 8.58 -4.72
C SER A 186 2.08 9.91 -5.44
N ASN A 187 2.79 10.10 -6.56
CA ASN A 187 2.63 11.35 -7.28
CA ASN A 187 2.65 11.33 -7.33
C ASN A 187 1.24 11.48 -7.87
N ARG A 188 0.67 10.39 -8.39
CA ARG A 188 -0.66 10.48 -8.98
C ARG A 188 -1.70 10.82 -7.93
N VAL A 189 -1.57 10.26 -6.73
CA VAL A 189 -2.48 10.63 -5.65
C VAL A 189 -2.28 12.09 -5.26
N ARG A 190 -1.03 12.54 -5.19
CA ARG A 190 -0.76 13.95 -4.93
C ARG A 190 -1.50 14.84 -5.92
N VAL A 191 -1.40 14.52 -7.20
CA VAL A 191 -2.06 15.32 -8.24
C VAL A 191 -3.56 15.33 -8.03
N SER A 192 -4.13 14.17 -7.65
CA SER A 192 -5.56 14.11 -7.41
C SER A 192 -5.96 15.05 -6.29
N ILE A 193 -5.17 15.09 -5.22
CA ILE A 193 -5.48 15.97 -4.10
C ILE A 193 -5.30 17.42 -4.50
N GLN A 194 -4.23 17.73 -5.23
CA GLN A 194 -3.96 19.11 -5.63
C GLN A 194 -5.07 19.65 -6.52
N THR A 195 -5.63 18.81 -7.40
CA THR A 195 -6.63 19.25 -8.35
C THR A 195 -8.06 19.00 -7.87
N GLY A 196 -8.25 18.26 -6.79
CA GLY A 196 -9.59 17.90 -6.35
C GLY A 196 -10.33 17.01 -7.31
N THR A 197 -9.61 16.21 -8.09
CA THR A 197 -10.18 15.37 -9.14
C THR A 197 -9.82 13.92 -8.87
N ALA A 198 -10.83 13.11 -8.59
CA ALA A 198 -10.62 11.68 -8.41
C ALA A 198 -10.09 11.07 -9.69
N PHE A 199 -9.53 9.86 -9.57
CA PHE A 199 -9.03 9.15 -10.74
C PHE A 199 -9.22 7.65 -10.56
N GLN A 200 -9.20 6.94 -11.67
CA GLN A 200 -9.19 5.46 -11.68
C GLN A 200 -7.77 5.07 -12.06
N PRO A 201 -7.19 4.03 -11.45
CA PRO A 201 -5.78 3.69 -11.73
C PRO A 201 -5.58 3.34 -13.19
N ASP A 202 -4.57 3.96 -13.82
CA ASP A 202 -4.29 3.74 -15.22
C ASP A 202 -3.52 2.42 -15.40
N ALA A 203 -3.30 2.05 -16.67
CA ALA A 203 -2.72 0.75 -16.97
C ALA A 203 -1.29 0.65 -16.42
N ALA A 204 -0.56 1.76 -16.37
CA ALA A 204 0.79 1.71 -15.83
C ALA A 204 0.76 1.48 -14.33
N MET A 205 -0.15 2.16 -13.64
CA MET A 205 -0.30 1.96 -12.20
C MET A 205 -0.67 0.51 -11.89
N ILE A 206 -1.63 -0.05 -12.63
CA ILE A 206 -2.04 -1.44 -12.40
C ILE A 206 -0.86 -2.37 -12.63
N SER A 207 -0.11 -2.16 -13.71
CA SER A 207 1.02 -3.05 -14.01
C SER A 207 2.10 -2.95 -12.95
N LEU A 208 2.36 -1.75 -12.43
CA LEU A 208 3.29 -1.61 -11.32
C LEU A 208 2.84 -2.43 -10.13
N GLU A 209 1.57 -2.27 -9.73
CA GLU A 209 1.03 -3.05 -8.62
C GLU A 209 1.20 -4.54 -8.88
N ASN A 210 0.96 -4.99 -10.11
CA ASN A 210 1.00 -6.41 -10.42
C ASN A 210 2.41 -6.96 -10.51
N ASN A 211 3.43 -6.10 -10.57
CA ASN A 211 4.79 -6.56 -10.82
C ASN A 211 5.77 -6.04 -9.77
N TRP A 212 5.29 -5.64 -8.60
CA TRP A 212 6.17 -5.12 -7.58
C TRP A 212 7.21 -6.16 -7.16
N ASP A 213 6.70 -7.34 -6.84
CA ASP A 213 7.69 -8.40 -6.48
CA ASP A 213 7.73 -8.38 -6.48
C ASP A 213 8.72 -8.80 -7.61
N ASN A 214 8.20 -8.74 -8.84
CA ASN A 214 9.04 -9.07 -9.99
C ASN A 214 10.12 -8.01 -10.22
N LEU A 215 9.75 -6.72 -10.11
CA LEU A 215 10.73 -5.65 -10.24
C LEU A 215 11.74 -5.70 -9.10
N SER A 216 11.27 -5.94 -7.88
CA SER A 216 12.17 -6.04 -6.74
C SER A 216 13.17 -7.17 -6.97
N ARG A 217 12.68 -8.32 -7.45
CA ARG A 217 13.57 -9.45 -7.70
C ARG A 217 14.57 -9.14 -8.79
N GLY A 218 14.13 -8.51 -9.88
CA GLY A 218 15.04 -8.17 -10.96
C GLY A 218 16.20 -7.31 -10.48
N VAL A 219 15.89 -6.26 -9.72
CA VAL A 219 16.93 -5.38 -9.19
C VAL A 219 17.90 -6.17 -8.34
N GLN A 220 17.37 -6.97 -7.42
CA GLN A 220 18.21 -7.59 -6.41
C GLN A 220 18.99 -8.78 -6.95
N GLU A 221 18.46 -9.47 -7.97
CA GLU A 221 19.18 -10.55 -8.63
C GLU A 221 20.06 -10.06 -9.77
N SER A 222 20.02 -8.77 -10.10
CA SER A 222 20.70 -8.28 -11.29
C SER A 222 22.20 -8.60 -11.22
N VAL A 223 22.76 -8.94 -12.38
CA VAL A 223 24.19 -9.17 -12.53
C VAL A 223 24.65 -8.29 -13.68
N GLN A 224 25.64 -7.43 -13.41
CA GLN A 224 26.08 -6.42 -14.38
C GLN A 224 24.91 -5.54 -14.81
N ASP A 225 24.00 -5.26 -13.87
CA ASP A 225 22.82 -4.42 -14.07
C ASP A 225 21.70 -5.13 -14.83
N THR A 226 21.84 -6.42 -15.14
CA THR A 226 20.88 -7.15 -15.96
C THR A 226 20.07 -8.11 -15.09
N PHE A 227 18.74 -8.03 -15.21
CA PHE A 227 17.87 -8.94 -14.47
C PHE A 227 18.07 -10.37 -14.98
N PRO A 228 18.06 -11.38 -14.10
CA PRO A 228 17.94 -12.75 -14.59
C PRO A 228 16.54 -13.08 -15.09
N ASN A 229 15.51 -12.58 -14.42
CA ASN A 229 14.12 -12.83 -14.79
C ASN A 229 13.52 -11.54 -15.32
N GLN A 230 13.16 -11.52 -16.59
CA GLN A 230 12.63 -10.32 -17.22
C GLN A 230 11.27 -9.96 -16.64
N VAL A 231 10.94 -8.67 -16.66
CA VAL A 231 9.69 -8.15 -16.12
C VAL A 231 8.99 -7.38 -17.22
N THR A 232 7.73 -7.72 -17.48
CA THR A 232 6.95 -7.11 -18.54
C THR A 232 5.91 -6.18 -17.89
N LEU A 233 6.10 -4.88 -18.07
CA LEU A 233 5.18 -3.88 -17.56
C LEU A 233 4.28 -3.40 -18.69
N THR A 234 3.33 -2.54 -18.32
CA THR A 234 2.43 -1.91 -19.27
C THR A 234 2.50 -0.41 -19.06
N ASN A 235 2.58 0.35 -20.15
CA ASN A 235 2.63 1.79 -20.06
C ASN A 235 1.21 2.37 -20.12
N ILE A 236 1.12 3.70 -20.01
CA ILE A 236 -0.19 4.35 -19.98
C ILE A 236 -1.02 3.97 -21.19
N ARG A 237 -0.39 3.88 -22.36
CA ARG A 237 -1.08 3.56 -23.61
C ARG A 237 -1.29 2.05 -23.79
N ASN A 238 -1.23 1.26 -22.73
CA ASN A 238 -1.43 -0.18 -22.78
C ASN A 238 -0.36 -0.90 -23.61
N GLU A 239 0.82 -0.29 -23.75
CA GLU A 239 1.93 -0.90 -24.49
C GLU A 239 2.76 -1.78 -23.56
N PRO A 240 3.16 -2.98 -23.98
CA PRO A 240 3.98 -3.82 -23.11
C PRO A 240 5.44 -3.38 -23.15
N VAL A 241 6.05 -3.22 -21.98
CA VAL A 241 7.42 -2.77 -21.84
C VAL A 241 8.23 -3.86 -21.15
N ILE A 242 9.32 -4.27 -21.79
CA ILE A 242 10.22 -5.26 -21.21
C ILE A 242 11.26 -4.51 -20.37
N VAL A 243 11.31 -4.83 -19.09
CA VAL A 243 12.29 -4.26 -18.17
C VAL A 243 13.22 -5.39 -17.74
N ASP A 244 14.47 -5.32 -18.19
CA ASP A 244 15.46 -6.34 -17.87
C ASP A 244 16.76 -5.77 -17.36
N SER A 245 16.79 -4.47 -17.01
CA SER A 245 18.04 -3.83 -16.64
C SER A 245 17.82 -2.85 -15.49
N LEU A 246 18.81 -2.78 -14.62
CA LEU A 246 18.82 -1.81 -13.53
C LEU A 246 18.69 -0.39 -14.06
N SER A 247 19.17 -0.13 -15.28
CA SER A 247 19.20 1.21 -15.84
C SER A 247 17.95 1.57 -16.62
N HIS A 248 16.98 0.66 -16.72
CA HIS A 248 15.76 0.99 -17.45
C HIS A 248 15.05 2.15 -16.75
N PRO A 249 14.53 3.12 -17.50
CA PRO A 249 13.90 4.29 -16.85
C PRO A 249 12.83 3.96 -15.83
N THR A 250 12.01 2.92 -16.05
CA THR A 250 10.89 2.60 -15.15
C THR A 250 11.40 2.11 -13.79
N VAL A 251 12.61 1.59 -13.70
CA VAL A 251 13.15 1.10 -12.40
C VAL A 251 13.16 2.25 -11.41
N ALA A 252 13.31 3.47 -11.89
CA ALA A 252 13.41 4.63 -11.02
C ALA A 252 12.11 4.90 -10.26
N VAL A 253 11.02 4.30 -10.70
CA VAL A 253 9.67 4.48 -10.07
C VAL A 253 9.62 3.76 -8.72
N LEU A 254 10.52 2.81 -8.45
CA LEU A 254 10.50 2.07 -7.20
C LEU A 254 10.98 2.97 -6.07
N ALA A 255 10.13 3.14 -5.07
CA ALA A 255 10.51 3.79 -3.82
C ALA A 255 10.86 2.80 -2.72
N LEU A 256 10.21 1.64 -2.71
CA LEU A 256 10.51 0.58 -1.74
C LEU A 256 10.38 -0.75 -2.47
N MET A 257 11.38 -1.59 -2.33
CA MET A 257 11.35 -2.94 -2.87
C MET A 257 11.01 -3.96 -1.80
N LEU A 258 10.34 -5.03 -2.24
CA LEU A 258 10.21 -6.22 -1.44
C LEU A 258 11.59 -6.85 -1.29
N PHE A 259 11.94 -7.30 -0.08
CA PHE A 259 13.19 -8.02 0.03
C PHE A 259 13.09 -9.37 -0.67
N VAL A 260 14.04 -9.62 -1.56
CA VAL A 260 14.15 -10.87 -2.29
C VAL A 260 15.47 -11.56 -1.99
N CYS A 261 16.58 -10.85 -2.14
CA CYS A 261 17.87 -11.46 -1.88
C CYS A 261 18.91 -10.35 -1.77
N ASN A 262 19.97 -10.63 -1.04
CA ASN A 262 21.06 -9.69 -1.04
C ASN A 262 21.89 -9.87 -2.32
N PRO A 263 22.54 -8.82 -2.80
CA PRO A 263 23.37 -8.94 -3.99
C PRO A 263 24.44 -10.01 -3.87
N1 IMD B . 10.61 16.33 1.60
C2 IMD B . 10.61 17.53 1.00
N3 IMD B . 11.50 18.31 1.63
C4 IMD B . 12.04 17.61 2.60
C5 IMD B . 11.49 16.37 2.58
#